data_3K48
#
_entry.id   3K48
#
_cell.length_a   100.811
_cell.length_b   84.771
_cell.length_c   55.562
_cell.angle_alpha   90.00
_cell.angle_beta   99.45
_cell.angle_gamma   90.00
#
_symmetry.space_group_name_H-M   'C 1 2 1'
#
loop_
_entity.id
_entity.type
_entity.pdbx_description
1 polymer 'Tumor necrosis factor ligand superfamily member 13'
2 polymer peptide
#
loop_
_entity_poly.entity_id
_entity_poly.type
_entity_poly.pdbx_seq_one_letter_code
_entity_poly.pdbx_strand_id
1 'polypeptide(L)'
;GSKKHSVLHLVPVNITSKADSDVTEVMWQPVLRRGRGLEAQGDIVRVWDTGIYLLYSQVLFHDVTFTMGQVVSREGQGRR
ETLFRCIRSMPSDPDRAYNSCYSAGVFHLHQGDIITVKIPRANAKLSLSPHGTFLGFVKL
;
A,B,D
2 'polypeptide(L)' SGWCDPRWYDPFMCEH R,S,T
#
# COMPACT_ATOMS: atom_id res chain seq x y z
N LYS A 4 -2.75 -13.25 -21.96
CA LYS A 4 -3.00 -13.15 -20.48
C LYS A 4 -1.78 -12.60 -19.74
N HIS A 5 -2.03 -11.97 -18.59
CA HIS A 5 -0.98 -11.25 -17.87
C HIS A 5 0.14 -12.17 -17.34
N SER A 6 1.38 -11.92 -17.78
CA SER A 6 2.59 -12.41 -17.08
C SER A 6 2.56 -11.89 -15.65
N VAL A 7 2.85 -12.74 -14.66
CA VAL A 7 2.98 -12.28 -13.28
C VAL A 7 4.11 -12.97 -12.52
N LEU A 8 4.49 -12.36 -11.40
CA LEU A 8 5.53 -12.91 -10.53
C LEU A 8 5.38 -12.36 -9.12
N HIS A 9 5.52 -13.24 -8.13
CA HIS A 9 5.51 -12.84 -6.73
C HIS A 9 6.71 -13.51 -6.07
N LEU A 10 7.47 -12.73 -5.31
CA LEU A 10 8.78 -13.15 -4.85
C LEU A 10 8.87 -13.03 -3.35
N VAL A 11 9.61 -13.93 -2.72
CA VAL A 11 9.80 -13.87 -1.27
C VAL A 11 11.30 -13.99 -0.92
N PRO A 12 11.68 -13.51 0.27
CA PRO A 12 13.11 -13.50 0.59
C PRO A 12 13.65 -14.90 0.78
N VAL A 13 14.81 -15.18 0.19
CA VAL A 13 15.56 -16.41 0.47
C VAL A 13 16.71 -16.11 1.44
N ASN A 14 17.14 -14.86 1.47
CA ASN A 14 18.42 -14.51 2.07
C ASN A 14 18.59 -12.98 2.06
N ILE A 15 19.40 -12.46 2.98
CA ILE A 15 19.65 -11.03 3.08
C ILE A 15 21.13 -10.75 2.91
N THR A 16 21.45 -9.56 2.42
CA THR A 16 22.82 -9.23 2.03
C THR A 16 23.13 -7.73 2.18
N SER A 17 24.34 -7.41 2.64
CA SER A 17 24.72 -6.02 2.92
C SER A 17 26.23 -5.88 2.99
N LYS A 18 26.88 -5.78 1.83
CA LYS A 18 28.35 -5.81 1.73
C LYS A 18 29.03 -4.80 2.67
N ALA A 19 30.15 -5.21 3.26
CA ALA A 19 30.91 -4.33 4.15
C ALA A 19 31.25 -3.01 3.46
N ASP A 20 31.38 -1.96 4.28
CA ASP A 20 31.76 -0.61 3.81
C ASP A 20 30.80 -0.01 2.75
N SER A 21 29.51 -0.31 2.88
CA SER A 21 28.44 0.39 2.14
C SER A 21 27.24 0.57 3.08
N ASP A 22 26.36 1.51 2.75
CA ASP A 22 25.20 1.79 3.60
C ASP A 22 23.94 1.38 2.85
N VAL A 23 23.92 0.15 2.38
CA VAL A 23 22.74 -0.40 1.69
C VAL A 23 22.56 -1.86 2.09
N THR A 24 21.32 -2.27 2.29
CA THR A 24 20.96 -3.67 2.46
C THR A 24 20.02 -4.08 1.32
N GLU A 25 20.31 -5.21 0.65
CA GLU A 25 19.44 -5.75 -0.40
C GLU A 25 18.78 -7.04 0.02
N VAL A 26 17.78 -7.48 -0.75
CA VAL A 26 17.14 -8.77 -0.54
C VAL A 26 17.45 -9.71 -1.70
N MET A 27 17.72 -10.98 -1.39
CA MET A 27 17.82 -12.05 -2.39
C MET A 27 16.47 -12.72 -2.50
N TRP A 28 15.91 -12.74 -3.71
CA TRP A 28 14.54 -13.18 -3.93
C TRP A 28 14.43 -14.56 -4.52
N GLN A 29 13.29 -15.21 -4.30
CA GLN A 29 12.92 -16.49 -4.93
C GLN A 29 11.44 -16.44 -5.25
N PRO A 30 11.05 -16.90 -6.46
CA PRO A 30 9.65 -16.89 -6.88
C PRO A 30 8.79 -17.95 -6.21
N VAL A 31 7.60 -17.57 -5.77
CA VAL A 31 6.59 -18.53 -5.28
C VAL A 31 5.35 -18.62 -6.18
N LEU A 32 5.12 -17.60 -7.03
CA LEU A 32 4.10 -17.64 -8.07
C LEU A 32 4.72 -17.18 -9.39
N ARG A 33 4.32 -17.81 -10.50
CA ARG A 33 4.85 -17.45 -11.80
C ARG A 33 3.89 -17.75 -12.95
N ARG A 34 3.72 -16.77 -13.84
CA ARG A 34 3.04 -16.99 -15.10
C ARG A 34 3.73 -16.11 -16.16
N GLY A 35 3.92 -16.68 -17.35
CA GLY A 35 4.68 -16.03 -18.41
C GLY A 35 6.18 -16.12 -18.19
N ARG A 36 6.91 -15.50 -19.12
CA ARG A 36 8.37 -15.53 -19.14
C ARG A 36 8.97 -14.12 -19.29
N GLY A 37 8.15 -13.09 -19.14
CA GLY A 37 8.61 -11.71 -19.32
C GLY A 37 9.42 -11.15 -18.16
N LEU A 38 9.57 -11.91 -17.08
CA LEU A 38 10.38 -11.53 -15.94
C LEU A 38 11.17 -12.73 -15.47
N GLU A 39 12.25 -12.48 -14.73
CA GLU A 39 13.03 -13.57 -14.15
C GLU A 39 13.85 -13.19 -12.92
N ALA A 40 13.71 -13.97 -11.86
CA ALA A 40 14.49 -13.78 -10.63
C ALA A 40 15.92 -14.23 -10.81
N GLN A 41 16.86 -13.40 -10.36
CA GLN A 41 18.27 -13.69 -10.49
C GLN A 41 18.99 -13.18 -9.24
N GLY A 42 19.06 -14.04 -8.22
CA GLY A 42 19.57 -13.64 -6.89
C GLY A 42 18.90 -12.43 -6.26
N ASP A 43 19.67 -11.36 -6.10
CA ASP A 43 19.18 -10.10 -5.47
C ASP A 43 18.36 -9.18 -6.41
N ILE A 44 18.29 -9.55 -7.69
CA ILE A 44 17.75 -8.69 -8.73
C ILE A 44 16.88 -9.45 -9.70
N VAL A 45 15.94 -8.73 -10.28
CA VAL A 45 14.92 -9.32 -11.11
C VAL A 45 15.11 -8.73 -12.50
N ARG A 46 15.32 -9.57 -13.50
CA ARG A 46 15.52 -9.11 -14.88
C ARG A 46 14.20 -9.03 -15.62
N VAL A 47 14.07 -8.01 -16.48
CA VAL A 47 12.87 -7.85 -17.33
C VAL A 47 13.17 -8.32 -18.74
N TRP A 48 12.34 -9.24 -19.24
CA TRP A 48 12.52 -9.76 -20.59
C TRP A 48 11.59 -9.09 -21.61
N ASP A 49 10.34 -8.83 -21.23
CA ASP A 49 9.38 -8.17 -22.11
C ASP A 49 9.21 -6.71 -21.73
N THR A 50 9.51 -5.82 -22.68
CA THR A 50 9.13 -4.43 -22.53
C THR A 50 7.62 -4.36 -22.30
N GLY A 51 7.19 -3.41 -21.47
CA GLY A 51 5.76 -3.20 -21.22
C GLY A 51 5.44 -2.51 -19.91
N ILE A 52 4.17 -2.17 -19.74
CA ILE A 52 3.68 -1.52 -18.52
C ILE A 52 3.44 -2.61 -17.48
N TYR A 53 4.06 -2.46 -16.31
CA TYR A 53 3.91 -3.41 -15.20
C TYR A 53 3.43 -2.71 -13.92
N LEU A 54 2.54 -3.38 -13.18
CA LEU A 54 2.29 -3.04 -11.77
C LEU A 54 3.43 -3.64 -10.93
N LEU A 55 4.08 -2.78 -10.14
CA LEU A 55 5.23 -3.17 -9.34
C LEU A 55 4.92 -2.89 -7.89
N TYR A 56 4.98 -3.91 -7.03
CA TYR A 56 4.66 -3.71 -5.61
C TYR A 56 5.69 -4.35 -4.70
N SER A 57 5.97 -3.67 -3.59
CA SER A 57 7.04 -4.05 -2.70
C SER A 57 6.66 -3.74 -1.27
N GLN A 58 6.75 -4.76 -0.41
CA GLN A 58 6.65 -4.59 1.04
C GLN A 58 7.89 -5.13 1.72
N VAL A 59 8.40 -4.39 2.70
CA VAL A 59 9.48 -4.84 3.58
C VAL A 59 9.07 -4.56 5.03
N LEU A 60 9.35 -5.52 5.92
CA LEU A 60 9.01 -5.43 7.36
C LEU A 60 10.24 -5.23 8.22
N PHE A 61 10.28 -4.08 8.92
CA PHE A 61 11.45 -3.61 9.65
C PHE A 61 11.30 -3.79 11.18
N HIS A 62 12.43 -3.78 11.89
CA HIS A 62 12.47 -3.75 13.37
C HIS A 62 13.53 -2.80 14.00
N ASP A 63 14.29 -2.07 13.19
CA ASP A 63 15.28 -1.14 13.73
C ASP A 63 14.60 0.03 14.42
N VAL A 64 15.31 0.63 15.39
CA VAL A 64 14.80 1.77 16.16
C VAL A 64 15.25 3.11 15.55
N THR A 65 16.13 2.99 14.55
CA THR A 65 16.80 4.13 13.94
C THR A 65 15.86 5.01 13.11
N PHE A 66 15.41 6.11 13.71
CA PHE A 66 14.80 7.22 12.98
C PHE A 66 13.79 6.80 11.91
N THR A 67 14.29 6.47 10.73
CA THR A 67 13.45 6.40 9.56
C THR A 67 13.95 5.34 8.59
N MET A 68 13.17 4.27 8.45
CA MET A 68 13.50 3.16 7.57
C MET A 68 12.62 3.21 6.34
N GLY A 69 12.87 2.30 5.41
CA GLY A 69 12.14 2.23 4.14
C GLY A 69 12.91 1.51 3.06
N GLN A 70 12.34 1.48 1.85
CA GLN A 70 13.02 0.89 0.67
C GLN A 70 12.98 1.78 -0.57
N VAL A 71 13.92 1.52 -1.47
CA VAL A 71 14.02 2.20 -2.74
C VAL A 71 13.91 1.12 -3.80
N VAL A 72 12.83 1.16 -4.58
CA VAL A 72 12.68 0.26 -5.73
C VAL A 72 13.16 1.01 -6.96
N SER A 73 14.02 0.38 -7.74
CA SER A 73 14.66 1.06 -8.90
C SER A 73 14.72 0.16 -10.10
N ARG A 74 14.94 0.76 -11.27
CA ARG A 74 15.30 0.03 -12.46
C ARG A 74 16.67 0.54 -12.92
N GLU A 75 17.42 -0.32 -13.59
CA GLU A 75 18.76 0.01 -14.10
C GLU A 75 18.92 -0.57 -15.50
N GLY A 76 19.23 0.26 -16.50
CA GLY A 76 19.34 -0.25 -17.87
C GLY A 76 19.92 0.69 -18.92
N GLN A 77 20.92 0.18 -19.67
CA GLN A 77 21.68 0.91 -20.71
C GLN A 77 22.67 1.93 -20.12
N GLY A 78 23.26 1.58 -18.97
CA GLY A 78 24.15 2.47 -18.22
C GLY A 78 23.39 3.50 -17.38
N ARG A 79 22.07 3.33 -17.32
CA ARG A 79 21.17 4.30 -16.71
C ARG A 79 20.53 3.76 -15.43
N ARG A 80 19.74 4.61 -14.80
CA ARG A 80 19.05 4.27 -13.57
C ARG A 80 17.78 5.09 -13.51
N GLU A 81 16.77 4.60 -12.80
CA GLU A 81 15.61 5.41 -12.44
C GLU A 81 14.95 4.86 -11.17
N THR A 82 14.98 5.64 -10.10
CA THR A 82 14.24 5.31 -8.90
C THR A 82 12.74 5.37 -9.22
N LEU A 83 12.07 4.23 -9.07
CA LEU A 83 10.65 4.13 -9.42
C LEU A 83 9.80 4.65 -8.28
N PHE A 84 10.01 4.10 -7.08
CA PHE A 84 9.34 4.62 -5.87
C PHE A 84 10.10 4.27 -4.61
N ARG A 85 9.86 5.05 -3.55
CA ARG A 85 10.36 4.77 -2.22
C ARG A 85 9.19 4.60 -1.24
N CYS A 86 9.47 3.96 -0.11
CA CYS A 86 8.53 3.81 0.99
C CYS A 86 9.26 4.25 2.26
N ILE A 87 8.75 5.27 2.96
CA ILE A 87 9.41 5.78 4.18
C ILE A 87 8.58 5.55 5.44
N ARG A 88 9.15 4.80 6.39
CA ARG A 88 8.55 4.54 7.72
C ARG A 88 9.42 5.09 8.86
N SER A 89 8.82 5.91 9.71
CA SER A 89 9.43 6.29 10.98
C SER A 89 9.27 5.13 11.98
N MET A 90 10.37 4.72 12.58
CA MET A 90 10.35 3.72 13.65
C MET A 90 10.38 4.43 15.01
N PRO A 91 9.67 3.88 16.00
CA PRO A 91 9.71 4.46 17.32
C PRO A 91 11.01 4.14 18.08
N SER A 92 11.15 4.70 19.28
CA SER A 92 12.37 4.53 20.08
C SER A 92 12.39 3.26 20.93
N ASP A 93 11.22 2.81 21.38
CA ASP A 93 11.14 1.60 22.20
C ASP A 93 11.27 0.33 21.35
N PRO A 94 12.30 -0.51 21.61
CA PRO A 94 12.52 -1.71 20.80
C PRO A 94 11.36 -2.72 20.69
N ASP A 95 10.47 -2.78 21.69
CA ASP A 95 9.32 -3.71 21.61
C ASP A 95 8.17 -3.19 20.75
N ARG A 96 8.02 -1.86 20.67
CA ARG A 96 7.04 -1.26 19.76
C ARG A 96 7.60 -1.04 18.34
N ALA A 97 8.89 -1.31 18.13
CA ALA A 97 9.59 -0.85 16.93
C ALA A 97 9.44 -1.79 15.74
N TYR A 98 8.18 -2.05 15.36
CA TYR A 98 7.83 -2.92 14.25
C TYR A 98 6.92 -2.20 13.26
N ASN A 99 7.30 -2.17 11.98
CA ASN A 99 6.50 -1.55 10.92
C ASN A 99 6.73 -2.20 9.56
N SER A 100 5.65 -2.52 8.85
CA SER A 100 5.77 -2.91 7.44
C SER A 100 5.72 -1.62 6.61
N CYS A 101 6.35 -1.61 5.45
CA CYS A 101 6.29 -0.44 4.56
C CYS A 101 5.96 -0.91 3.15
N TYR A 102 4.74 -0.57 2.74
CA TYR A 102 4.19 -0.96 1.45
C TYR A 102 4.08 0.25 0.54
N SER A 103 4.56 0.08 -0.69
CA SER A 103 4.41 1.07 -1.73
C SER A 103 4.29 0.27 -3.01
N ALA A 104 3.72 0.86 -4.04
CA ALA A 104 3.58 0.20 -5.33
C ALA A 104 3.22 1.23 -6.37
N GLY A 105 3.37 0.85 -7.64
CA GLY A 105 3.03 1.73 -8.75
C GLY A 105 3.11 1.03 -10.09
N VAL A 106 2.73 1.76 -11.14
CA VAL A 106 2.68 1.26 -12.52
C VAL A 106 3.77 1.92 -13.37
N PHE A 107 4.65 1.12 -13.94
CA PHE A 107 5.82 1.63 -14.65
C PHE A 107 6.05 0.92 -15.99
N HIS A 108 6.42 1.70 -17.00
CA HIS A 108 6.99 1.17 -18.25
C HIS A 108 8.36 0.59 -17.95
N LEU A 109 8.50 -0.74 -18.00
CA LEU A 109 9.79 -1.41 -17.82
C LEU A 109 10.27 -2.02 -19.14
N HIS A 110 11.57 -1.89 -19.40
CA HIS A 110 12.17 -2.25 -20.69
C HIS A 110 12.89 -3.60 -20.64
N GLN A 111 12.94 -4.29 -21.76
CA GLN A 111 13.75 -5.50 -21.85
C GLN A 111 15.19 -5.15 -21.56
N GLY A 112 15.84 -5.92 -20.70
CA GLY A 112 17.22 -5.64 -20.29
C GLY A 112 17.36 -4.96 -18.94
N ASP A 113 16.23 -4.51 -18.37
CA ASP A 113 16.21 -3.84 -17.06
C ASP A 113 16.34 -4.77 -15.85
N ILE A 114 17.24 -4.39 -14.94
CA ILE A 114 17.38 -5.07 -13.68
C ILE A 114 16.64 -4.24 -12.62
N ILE A 115 15.77 -4.91 -11.87
CA ILE A 115 14.97 -4.27 -10.84
C ILE A 115 15.52 -4.66 -9.50
N THR A 116 15.68 -3.68 -8.62
CA THR A 116 16.32 -3.88 -7.33
C THR A 116 15.45 -3.30 -6.22
N VAL A 117 15.66 -3.80 -5.00
CA VAL A 117 15.01 -3.32 -3.80
C VAL A 117 16.10 -3.15 -2.74
N LYS A 118 16.40 -1.90 -2.40
CA LYS A 118 17.50 -1.59 -1.48
C LYS A 118 16.99 -0.85 -0.26
N ILE A 119 17.44 -1.28 0.90
CA ILE A 119 17.16 -0.58 2.15
C ILE A 119 18.36 0.31 2.43
N PRO A 120 18.19 1.64 2.43
CA PRO A 120 19.33 2.58 2.52
C PRO A 120 20.14 2.61 3.81
N ARG A 121 20.26 1.48 4.50
CA ARG A 121 21.11 1.37 5.70
C ARG A 121 21.94 0.12 5.62
N ALA A 122 23.09 0.14 6.28
CA ALA A 122 23.95 -1.04 6.40
C ALA A 122 23.29 -1.97 7.42
N ASN A 123 23.26 -3.27 7.14
CA ASN A 123 22.69 -4.27 8.03
C ASN A 123 21.35 -3.87 8.66
N ALA A 124 20.39 -3.58 7.81
CA ALA A 124 19.05 -3.28 8.26
C ALA A 124 18.40 -4.56 8.79
N LYS A 125 17.79 -4.47 9.97
CA LYS A 125 17.06 -5.60 10.53
C LYS A 125 15.71 -5.69 9.83
N LEU A 126 15.57 -6.62 8.90
CA LEU A 126 14.30 -6.81 8.19
C LEU A 126 13.84 -8.28 8.09
N SER A 127 12.53 -8.50 8.01
CA SER A 127 12.00 -9.87 8.06
C SER A 127 12.21 -10.63 6.75
N LEU A 128 12.58 -11.90 6.89
CA LEU A 128 12.69 -12.82 5.76
C LEU A 128 11.35 -13.53 5.54
N SER A 129 10.40 -13.35 6.45
CA SER A 129 9.09 -14.01 6.38
C SER A 129 8.38 -13.80 5.03
N PRO A 130 7.88 -14.88 4.41
CA PRO A 130 7.24 -14.75 3.10
C PRO A 130 5.99 -13.88 3.06
N HIS A 131 5.32 -13.74 4.20
CA HIS A 131 4.15 -12.88 4.32
C HIS A 131 4.50 -11.56 5.00
N GLY A 132 5.77 -11.32 5.27
CA GLY A 132 6.24 -10.04 5.84
C GLY A 132 6.96 -9.10 4.87
N THR A 133 7.80 -9.66 4.00
CA THR A 133 8.59 -8.91 3.03
C THR A 133 8.42 -9.54 1.65
N PHE A 134 7.94 -8.77 0.67
CA PHE A 134 7.70 -9.30 -0.68
C PHE A 134 7.79 -8.26 -1.79
N LEU A 135 7.85 -8.77 -3.01
CA LEU A 135 8.00 -7.97 -4.22
C LEU A 135 7.23 -8.69 -5.34
N GLY A 136 6.52 -7.94 -6.19
CA GLY A 136 5.71 -8.59 -7.22
C GLY A 136 5.35 -7.75 -8.41
N PHE A 137 5.00 -8.46 -9.50
CA PHE A 137 4.83 -7.89 -10.83
C PHE A 137 3.55 -8.37 -11.52
N VAL A 138 2.83 -7.45 -12.16
CA VAL A 138 1.71 -7.81 -13.03
C VAL A 138 1.85 -7.03 -14.33
N LYS A 139 2.00 -7.72 -15.45
CA LYS A 139 2.02 -7.02 -16.72
C LYS A 139 0.58 -6.64 -17.05
N LEU A 140 0.40 -5.42 -17.56
CA LEU A 140 -0.92 -4.90 -17.89
C LEU A 140 -1.02 -4.65 -19.39
N LYS B 4 -6.10 -3.25 -24.92
CA LYS B 4 -5.00 -3.04 -23.93
C LYS B 4 -5.37 -1.98 -22.89
N HIS B 5 -4.88 -2.16 -21.65
CA HIS B 5 -5.34 -1.35 -20.50
C HIS B 5 -4.93 0.14 -20.57
N SER B 6 -5.90 1.05 -20.39
CA SER B 6 -5.62 2.47 -20.14
C SER B 6 -4.88 2.68 -18.79
N VAL B 7 -3.87 3.56 -18.81
CA VAL B 7 -3.08 3.86 -17.60
C VAL B 7 -2.58 5.31 -17.59
N LEU B 8 -2.38 5.81 -16.37
CA LEU B 8 -1.91 7.15 -16.15
C LEU B 8 -1.14 7.19 -14.82
N HIS B 9 0.05 7.79 -14.82
CA HIS B 9 0.85 7.89 -13.60
C HIS B 9 1.40 9.31 -13.52
N LEU B 10 1.04 10.00 -12.44
CA LEU B 10 1.23 11.42 -12.31
C LEU B 10 2.18 11.73 -11.15
N VAL B 11 2.97 12.79 -11.31
CA VAL B 11 3.94 13.19 -10.31
C VAL B 11 3.73 14.68 -10.01
N PRO B 12 4.28 15.17 -8.90
CA PRO B 12 4.00 16.55 -8.53
C PRO B 12 4.85 17.54 -9.29
N VAL B 13 4.21 18.61 -9.78
CA VAL B 13 4.94 19.75 -10.31
C VAL B 13 4.93 20.89 -9.28
N ASN B 14 3.88 20.91 -8.46
CA ASN B 14 3.55 22.08 -7.63
C ASN B 14 2.73 21.67 -6.42
N ILE B 15 2.88 22.42 -5.33
CA ILE B 15 2.02 22.29 -4.14
C ILE B 15 1.22 23.60 -3.98
N THR B 16 -0.06 23.47 -3.66
CA THR B 16 -0.95 24.60 -3.62
C THR B 16 -1.90 24.53 -2.42
N SER B 17 -2.04 25.65 -1.73
CA SER B 17 -2.84 25.74 -0.51
C SER B 17 -3.43 27.15 -0.37
N LYS B 18 -4.72 27.30 -0.69
CA LYS B 18 -5.38 28.59 -0.59
C LYS B 18 -5.46 28.96 0.88
N ALA B 19 -4.96 30.14 1.24
CA ALA B 19 -5.01 30.60 2.63
C ALA B 19 -6.46 30.66 3.14
N ASP B 20 -6.63 30.59 4.45
CA ASP B 20 -7.95 30.55 5.08
C ASP B 20 -8.77 29.30 4.67
N SER B 21 -8.08 28.17 4.63
CA SER B 21 -8.70 26.88 4.39
C SER B 21 -7.76 25.83 4.99
N ASP B 22 -8.29 24.70 5.45
CA ASP B 22 -7.48 23.65 6.08
C ASP B 22 -7.09 22.55 5.10
N VAL B 23 -6.84 22.92 3.85
CA VAL B 23 -6.59 21.95 2.77
C VAL B 23 -5.37 22.32 1.92
N THR B 24 -4.64 21.29 1.48
CA THR B 24 -3.50 21.42 0.58
C THR B 24 -3.64 20.39 -0.55
N GLU B 25 -3.35 20.81 -1.77
CA GLU B 25 -3.51 19.98 -2.96
C GLU B 25 -2.21 19.97 -3.79
N VAL B 26 -2.18 19.10 -4.79
CA VAL B 26 -1.02 18.90 -5.63
C VAL B 26 -1.41 19.17 -7.08
N MET B 27 -0.66 20.01 -7.78
CA MET B 27 -0.79 20.14 -9.22
C MET B 27 0.04 19.01 -9.82
N TRP B 28 -0.58 18.26 -10.72
CA TRP B 28 -0.02 17.04 -11.25
C TRP B 28 0.48 17.19 -12.66
N GLN B 29 1.38 16.27 -13.04
CA GLN B 29 1.78 16.12 -14.43
C GLN B 29 2.15 14.67 -14.71
N PRO B 30 1.60 14.09 -15.79
CA PRO B 30 1.86 12.69 -16.10
C PRO B 30 3.30 12.43 -16.49
N VAL B 31 3.82 11.28 -16.08
CA VAL B 31 5.09 10.80 -16.63
C VAL B 31 4.89 9.49 -17.39
N LEU B 32 3.68 8.92 -17.35
CA LEU B 32 3.33 7.77 -18.19
C LEU B 32 1.85 7.79 -18.60
N ARG B 33 1.59 7.60 -19.89
CA ARG B 33 0.23 7.59 -20.41
C ARG B 33 -0.03 6.51 -21.45
N ARG B 34 -1.20 5.90 -21.37
CA ARG B 34 -1.69 5.06 -22.45
C ARG B 34 -3.21 5.20 -22.48
N GLY B 35 -3.78 5.13 -23.67
CA GLY B 35 -5.19 5.42 -23.84
C GLY B 35 -5.46 6.89 -23.56
N ARG B 36 -6.72 7.27 -23.63
CA ARG B 36 -7.13 8.66 -23.52
C ARG B 36 -8.34 8.80 -22.58
N GLY B 37 -8.45 7.90 -21.62
CA GLY B 37 -9.58 7.88 -20.70
C GLY B 37 -9.48 8.94 -19.61
N LEU B 38 -8.26 9.40 -19.34
CA LEU B 38 -8.01 10.30 -18.21
C LEU B 38 -7.10 11.44 -18.64
N GLU B 39 -7.39 12.65 -18.16
CA GLU B 39 -6.51 13.80 -18.42
C GLU B 39 -6.29 14.61 -17.14
N ALA B 40 -5.04 14.96 -16.88
CA ALA B 40 -4.70 15.80 -15.73
C ALA B 40 -4.94 17.25 -16.10
N GLN B 41 -5.48 18.01 -15.16
CA GLN B 41 -5.73 19.43 -15.35
C GLN B 41 -5.33 20.15 -14.08
N GLY B 42 -4.03 20.33 -13.90
CA GLY B 42 -3.49 20.90 -12.66
C GLY B 42 -3.80 20.03 -11.45
N ASP B 43 -4.64 20.54 -10.56
CA ASP B 43 -4.87 19.89 -9.28
C ASP B 43 -5.88 18.75 -9.34
N ILE B 44 -6.55 18.59 -10.48
CA ILE B 44 -7.55 17.52 -10.62
C ILE B 44 -7.29 16.65 -11.86
N VAL B 45 -8.05 15.57 -11.99
CA VAL B 45 -7.93 14.62 -13.09
C VAL B 45 -9.32 14.27 -13.60
N ARG B 46 -9.65 14.69 -14.82
CA ARG B 46 -11.01 14.47 -15.36
C ARG B 46 -11.19 13.11 -16.06
N VAL B 47 -12.22 12.36 -15.64
CA VAL B 47 -12.55 11.08 -16.30
C VAL B 47 -13.35 11.31 -17.55
N TRP B 48 -13.04 10.52 -18.58
CA TRP B 48 -13.70 10.58 -19.88
C TRP B 48 -14.39 9.28 -20.29
N ASP B 49 -13.78 8.13 -19.97
CA ASP B 49 -14.41 6.83 -20.25
C ASP B 49 -14.94 6.27 -18.97
N THR B 50 -16.24 6.00 -18.91
CA THR B 50 -16.77 5.28 -17.76
C THR B 50 -16.19 3.85 -17.66
N GLY B 51 -15.94 3.41 -16.44
CA GLY B 51 -15.41 2.06 -16.21
C GLY B 51 -14.87 1.86 -14.81
N ILE B 52 -14.23 0.70 -14.63
CA ILE B 52 -13.64 0.32 -13.34
C ILE B 52 -12.14 0.64 -13.37
N TYR B 53 -11.64 1.31 -12.32
CA TYR B 53 -10.26 1.74 -12.27
C TYR B 53 -9.58 1.34 -10.97
N LEU B 54 -8.36 0.81 -11.07
CA LEU B 54 -7.46 0.77 -9.92
C LEU B 54 -6.90 2.18 -9.76
N LEU B 55 -7.05 2.74 -8.56
CA LEU B 55 -6.56 4.08 -8.20
C LEU B 55 -5.55 3.91 -7.10
N TYR B 56 -4.38 4.50 -7.23
CA TYR B 56 -3.42 4.48 -6.12
C TYR B 56 -2.85 5.87 -5.93
N SER B 57 -2.37 6.10 -4.71
CA SER B 57 -1.95 7.41 -4.30
C SER B 57 -0.99 7.29 -3.13
N GLN B 58 0.16 7.94 -3.24
CA GLN B 58 1.10 8.05 -2.14
C GLN B 58 1.50 9.51 -1.97
N VAL B 59 1.56 9.95 -0.72
CA VAL B 59 2.02 11.27 -0.37
C VAL B 59 3.12 11.07 0.68
N LEU B 60 4.23 11.79 0.51
CA LEU B 60 5.33 11.76 1.46
C LEU B 60 5.29 13.03 2.30
N PHE B 61 5.14 12.89 3.62
CA PHE B 61 4.97 14.02 4.57
C PHE B 61 6.17 14.20 5.45
N HIS B 62 6.35 15.42 5.97
CA HIS B 62 7.36 15.68 7.02
C HIS B 62 6.84 16.54 8.19
N ASP B 63 5.55 16.86 8.22
CA ASP B 63 4.97 17.59 9.36
C ASP B 63 5.22 16.85 10.69
N VAL B 64 5.21 17.59 11.79
CA VAL B 64 5.41 16.99 13.12
C VAL B 64 4.08 16.91 13.89
N THR B 65 3.01 17.40 13.25
CA THR B 65 1.67 17.59 13.87
C THR B 65 0.81 16.31 13.92
N PHE B 66 0.80 15.66 15.09
CA PHE B 66 -0.11 14.55 15.38
C PHE B 66 -0.27 13.48 14.26
N THR B 67 -1.01 13.82 13.19
CA THR B 67 -1.45 12.81 12.23
C THR B 67 -1.84 13.34 10.84
N MET B 68 -1.15 12.86 9.81
CA MET B 68 -1.28 13.36 8.44
C MET B 68 -2.00 12.34 7.57
N GLY B 69 -2.10 12.60 6.27
CA GLY B 69 -2.75 11.67 5.36
C GLY B 69 -3.40 12.37 4.19
N GLN B 70 -4.18 11.64 3.39
CA GLN B 70 -4.83 12.21 2.21
C GLN B 70 -6.24 11.66 1.95
N VAL B 71 -7.05 12.43 1.23
CA VAL B 71 -8.40 12.02 0.92
C VAL B 71 -8.57 12.00 -0.60
N VAL B 72 -8.82 10.81 -1.16
CA VAL B 72 -9.05 10.66 -2.59
C VAL B 72 -10.54 10.59 -2.88
N SER B 73 -11.01 11.50 -3.74
CA SER B 73 -12.43 11.68 -3.94
C SER B 73 -12.77 11.70 -5.41
N ARG B 74 -14.01 11.33 -5.74
CA ARG B 74 -14.57 11.62 -7.06
C ARG B 74 -15.74 12.56 -6.84
N GLU B 75 -15.88 13.53 -7.73
CA GLU B 75 -16.98 14.49 -7.70
C GLU B 75 -17.63 14.52 -9.08
N GLY B 76 -18.96 14.33 -9.11
CA GLY B 76 -19.69 14.30 -10.38
C GLY B 76 -21.20 14.43 -10.25
N GLN B 77 -21.77 15.32 -11.07
CA GLN B 77 -23.23 15.50 -11.13
C GLN B 77 -23.77 15.99 -9.79
N GLY B 78 -23.12 17.00 -9.20
CA GLY B 78 -23.52 17.57 -7.91
C GLY B 78 -23.31 16.69 -6.68
N ARG B 79 -22.60 15.57 -6.83
CA ARG B 79 -22.37 14.59 -5.75
C ARG B 79 -20.89 14.41 -5.50
N ARG B 80 -20.48 14.61 -4.25
CA ARG B 80 -19.16 14.21 -3.84
C ARG B 80 -19.26 12.76 -3.33
N GLU B 81 -18.24 11.96 -3.60
CA GLU B 81 -18.07 10.68 -2.92
C GLU B 81 -16.60 10.53 -2.58
N THR B 82 -16.31 10.15 -1.33
CA THR B 82 -14.93 9.94 -0.86
C THR B 82 -14.56 8.47 -1.01
N LEU B 83 -13.50 8.19 -1.76
CA LEU B 83 -13.17 6.82 -2.18
C LEU B 83 -12.31 6.07 -1.15
N PHE B 84 -11.22 6.69 -0.74
CA PHE B 84 -10.36 6.13 0.32
C PHE B 84 -9.48 7.18 0.96
N ARG B 85 -9.07 6.92 2.20
CA ARG B 85 -8.13 7.77 2.92
C ARG B 85 -6.93 6.98 3.37
N CYS B 86 -5.84 7.71 3.61
CA CYS B 86 -4.63 7.17 4.18
C CYS B 86 -4.35 8.02 5.38
N ILE B 87 -4.11 7.42 6.54
CA ILE B 87 -3.82 8.17 7.76
C ILE B 87 -2.45 7.78 8.35
N ARG B 88 -1.54 8.75 8.49
CA ARG B 88 -0.24 8.52 9.14
C ARG B 88 -0.11 9.39 10.38
N SER B 89 -0.06 8.76 11.55
CA SER B 89 0.40 9.44 12.76
C SER B 89 1.86 9.83 12.54
N MET B 90 2.21 11.08 12.88
CA MET B 90 3.60 11.54 12.83
C MET B 90 4.17 11.65 14.24
N PRO B 91 5.49 11.43 14.38
CA PRO B 91 6.16 11.60 15.67
C PRO B 91 6.48 13.06 15.97
N SER B 92 7.06 13.34 17.13
CA SER B 92 7.30 14.74 17.55
C SER B 92 8.72 15.25 17.25
N ASP B 93 9.66 14.37 16.97
CA ASP B 93 11.03 14.82 16.67
C ASP B 93 11.16 15.11 15.17
N PRO B 94 11.47 16.38 14.80
CA PRO B 94 11.60 16.74 13.38
C PRO B 94 12.50 15.84 12.55
N ASP B 95 13.55 15.29 13.16
CA ASP B 95 14.50 14.44 12.42
C ASP B 95 13.92 13.06 12.12
N ARG B 96 12.89 12.65 12.85
CA ARG B 96 12.21 11.37 12.62
C ARG B 96 10.87 11.51 11.89
N ALA B 97 10.37 12.75 11.79
CA ALA B 97 9.00 12.99 11.31
C ALA B 97 8.88 12.94 9.78
N TYR B 98 9.33 11.83 9.20
CA TYR B 98 9.17 11.57 7.78
C TYR B 98 8.34 10.28 7.65
N ASN B 99 7.32 10.31 6.80
CA ASN B 99 6.47 9.14 6.58
C ASN B 99 5.76 9.25 5.23
N SER B 100 5.72 8.15 4.49
CA SER B 100 4.88 8.09 3.30
C SER B 100 3.57 7.39 3.68
N CYS B 101 2.54 7.55 2.87
CA CYS B 101 1.24 6.97 3.14
C CYS B 101 0.63 6.56 1.81
N TYR B 102 0.37 5.26 1.69
CA TYR B 102 -0.05 4.67 0.45
C TYR B 102 -1.38 3.98 0.68
N SER B 103 -2.36 4.35 -0.12
CA SER B 103 -3.58 3.58 -0.22
C SER B 103 -3.97 3.44 -1.68
N ALA B 104 -4.82 2.47 -1.93
CA ALA B 104 -5.28 2.17 -3.29
C ALA B 104 -6.56 1.39 -3.21
N GLY B 105 -7.40 1.49 -4.24
CA GLY B 105 -8.64 0.71 -4.29
C GLY B 105 -9.22 0.67 -5.69
N VAL B 106 -10.12 -0.28 -5.93
CA VAL B 106 -10.81 -0.43 -7.23
C VAL B 106 -12.21 0.21 -7.22
N PHE B 107 -12.46 1.12 -8.17
CA PHE B 107 -13.69 1.92 -8.18
C PHE B 107 -14.29 2.21 -9.56
N HIS B 108 -15.61 2.30 -9.58
CA HIS B 108 -16.37 2.68 -10.78
C HIS B 108 -16.31 4.19 -10.94
N LEU B 109 -15.67 4.67 -12.01
CA LEU B 109 -15.60 6.10 -12.30
C LEU B 109 -16.43 6.45 -13.56
N HIS B 110 -17.30 7.43 -13.43
CA HIS B 110 -18.18 7.86 -14.54
C HIS B 110 -17.56 8.96 -15.37
N GLN B 111 -17.91 9.00 -16.66
CA GLN B 111 -17.47 10.06 -17.56
C GLN B 111 -17.90 11.41 -17.00
N GLY B 112 -16.99 12.37 -16.99
CA GLY B 112 -17.26 13.70 -16.44
C GLY B 112 -16.88 13.90 -14.96
N ASP B 113 -16.46 12.82 -14.30
CA ASP B 113 -16.10 12.89 -12.89
C ASP B 113 -14.77 13.59 -12.72
N ILE B 114 -14.65 14.32 -11.61
CA ILE B 114 -13.42 15.03 -11.26
C ILE B 114 -12.76 14.34 -10.06
N ILE B 115 -11.51 13.90 -10.23
CA ILE B 115 -10.80 13.18 -9.18
C ILE B 115 -9.82 14.10 -8.46
N THR B 116 -9.88 14.13 -7.14
CA THR B 116 -9.09 15.04 -6.33
C THR B 116 -8.35 14.25 -5.26
N VAL B 117 -7.22 14.79 -4.83
CA VAL B 117 -6.41 14.23 -3.76
C VAL B 117 -6.10 15.40 -2.85
N LYS B 118 -6.58 15.36 -1.61
CA LYS B 118 -6.45 16.50 -0.71
C LYS B 118 -5.81 16.09 0.60
N ILE B 119 -4.98 16.99 1.14
CA ILE B 119 -4.36 16.77 2.44
C ILE B 119 -5.04 17.73 3.41
N PRO B 120 -5.66 17.21 4.48
CA PRO B 120 -6.43 18.12 5.34
C PRO B 120 -5.64 18.98 6.36
N ARG B 121 -4.53 19.59 5.93
CA ARG B 121 -3.92 20.72 6.65
C ARG B 121 -3.70 21.88 5.69
N ALA B 122 -3.65 23.10 6.21
CA ALA B 122 -3.18 24.22 5.42
C ALA B 122 -1.67 24.15 5.37
N ASN B 123 -1.10 24.43 4.21
CA ASN B 123 0.34 24.43 4.01
C ASN B 123 0.99 23.17 4.57
N ALA B 124 0.49 22.02 4.13
CA ALA B 124 1.08 20.74 4.52
C ALA B 124 2.43 20.64 3.86
N LYS B 125 3.41 20.10 4.59
CA LYS B 125 4.75 19.84 4.04
C LYS B 125 4.76 18.43 3.47
N LEU B 126 4.88 18.35 2.16
CA LEU B 126 4.94 17.06 1.48
C LEU B 126 5.93 17.12 0.31
N SER B 127 6.55 15.99 -0.02
CA SER B 127 7.60 15.94 -1.03
C SER B 127 7.05 16.13 -2.44
N LEU B 128 7.83 16.81 -3.27
CA LEU B 128 7.57 16.92 -4.70
C LEU B 128 8.28 15.82 -5.48
N SER B 129 8.99 14.93 -4.78
CA SER B 129 9.71 13.87 -5.46
C SER B 129 8.74 13.00 -6.24
N PRO B 130 9.09 12.67 -7.48
CA PRO B 130 8.19 11.84 -8.28
C PRO B 130 8.06 10.42 -7.70
N HIS B 131 9.08 9.97 -6.97
CA HIS B 131 9.10 8.67 -6.31
C HIS B 131 8.88 8.78 -4.78
N GLY B 132 8.29 9.89 -4.34
CA GLY B 132 7.92 10.10 -2.94
C GLY B 132 6.42 10.32 -2.83
N THR B 133 5.90 11.18 -3.71
CA THR B 133 4.49 11.57 -3.73
C THR B 133 3.97 11.33 -5.15
N PHE B 134 2.96 10.48 -5.33
CA PHE B 134 2.40 10.21 -6.67
C PHE B 134 0.97 9.65 -6.67
N LEU B 135 0.38 9.58 -7.86
CA LEU B 135 -1.03 9.21 -8.07
C LEU B 135 -1.15 8.46 -9.37
N GLY B 136 -1.93 7.39 -9.42
CA GLY B 136 -2.04 6.62 -10.66
C GLY B 136 -3.32 5.83 -10.85
N PHE B 137 -3.57 5.45 -12.10
CA PHE B 137 -4.81 4.82 -12.52
C PHE B 137 -4.53 3.68 -13.48
N VAL B 138 -5.33 2.60 -13.38
CA VAL B 138 -5.34 1.53 -14.36
C VAL B 138 -6.78 1.11 -14.61
N LYS B 139 -7.23 1.16 -15.86
CA LYS B 139 -8.58 0.73 -16.23
C LYS B 139 -8.62 -0.78 -16.38
N LEU B 140 -9.50 -1.43 -15.61
CA LEU B 140 -9.60 -2.89 -15.64
C LEU B 140 -10.74 -3.33 -16.56
N LYS C 4 -14.46 -6.92 -18.33
CA LYS C 4 -13.28 -7.80 -18.62
C LYS C 4 -12.76 -8.54 -17.34
N HIS C 5 -11.98 -7.85 -16.51
CA HIS C 5 -11.54 -8.42 -15.23
C HIS C 5 -12.69 -8.45 -14.24
N SER C 6 -12.92 -9.63 -13.65
CA SER C 6 -13.82 -9.73 -12.52
C SER C 6 -13.18 -9.01 -11.34
N VAL C 7 -14.01 -8.32 -10.54
CA VAL C 7 -13.53 -7.55 -9.41
C VAL C 7 -14.52 -7.61 -8.24
N LEU C 8 -14.01 -7.30 -7.05
CA LEU C 8 -14.85 -7.18 -5.87
C LEU C 8 -14.23 -6.16 -4.91
N HIS C 9 -15.04 -5.19 -4.48
CA HIS C 9 -14.62 -4.23 -3.47
C HIS C 9 -15.62 -4.31 -2.31
N LEU C 10 -15.11 -4.58 -1.12
CA LEU C 10 -15.95 -4.80 0.06
C LEU C 10 -15.68 -3.74 1.09
N VAL C 11 -16.69 -3.43 1.89
CA VAL C 11 -16.56 -2.51 3.01
C VAL C 11 -17.21 -3.07 4.28
N PRO C 12 -16.82 -2.55 5.45
CA PRO C 12 -17.29 -3.09 6.72
C PRO C 12 -18.72 -2.73 7.05
N VAL C 13 -19.54 -3.72 7.36
CA VAL C 13 -20.89 -3.46 7.86
C VAL C 13 -20.88 -3.53 9.39
N ASN C 14 -19.86 -4.19 9.95
CA ASN C 14 -19.91 -4.66 11.31
C ASN C 14 -18.62 -5.34 11.79
N ILE C 15 -18.14 -4.97 12.96
CA ILE C 15 -16.98 -5.62 13.57
C ILE C 15 -17.45 -6.81 14.42
N THR C 16 -16.54 -7.77 14.64
CA THR C 16 -16.86 -8.95 15.46
C THR C 16 -15.60 -9.47 16.19
N SER C 17 -15.80 -10.08 17.35
CA SER C 17 -14.69 -10.52 18.22
C SER C 17 -15.21 -11.44 19.34
N LYS C 18 -15.06 -12.75 19.17
CA LYS C 18 -15.56 -13.72 20.15
C LYS C 18 -14.78 -13.67 21.48
N ALA C 19 -15.53 -13.72 22.59
CA ALA C 19 -14.91 -13.76 23.92
C ALA C 19 -13.98 -14.97 24.04
N ASP C 20 -12.87 -14.79 24.76
CA ASP C 20 -11.85 -15.82 24.99
C ASP C 20 -10.89 -16.00 23.79
N SER C 21 -10.92 -15.07 22.83
CA SER C 21 -9.97 -15.07 21.72
C SER C 21 -9.20 -13.77 21.66
N ASP C 22 -8.09 -13.78 20.94
CA ASP C 22 -7.34 -12.54 20.66
C ASP C 22 -7.37 -12.26 19.16
N VAL C 23 -8.56 -12.39 18.58
CA VAL C 23 -8.77 -12.05 17.17
C VAL C 23 -10.00 -11.15 17.04
N THR C 24 -9.90 -10.15 16.16
CA THR C 24 -11.04 -9.34 15.78
C THR C 24 -11.14 -9.48 14.28
N GLU C 25 -12.30 -9.88 13.81
CA GLU C 25 -12.58 -10.00 12.38
C GLU C 25 -13.58 -8.90 11.96
N VAL C 26 -13.91 -8.85 10.67
CA VAL C 26 -14.83 -7.85 10.14
C VAL C 26 -15.90 -8.52 9.28
N MET C 27 -17.12 -8.03 9.36
CA MET C 27 -18.21 -8.51 8.54
C MET C 27 -18.25 -7.64 7.29
N TRP C 28 -18.11 -8.26 6.12
CA TRP C 28 -17.97 -7.51 4.87
C TRP C 28 -19.24 -7.48 4.02
N GLN C 29 -19.49 -6.34 3.38
CA GLN C 29 -20.57 -6.20 2.39
C GLN C 29 -20.00 -5.56 1.11
N PRO C 30 -20.38 -6.10 -0.05
CA PRO C 30 -19.81 -5.55 -1.29
C PRO C 30 -20.42 -4.18 -1.62
N VAL C 31 -19.58 -3.31 -2.17
CA VAL C 31 -20.02 -2.02 -2.73
C VAL C 31 -19.79 -1.95 -4.27
N LEU C 32 -18.90 -2.80 -4.79
CA LEU C 32 -18.70 -2.93 -6.22
C LEU C 32 -18.48 -4.40 -6.56
N ARG C 33 -19.24 -4.94 -7.51
CA ARG C 33 -19.11 -6.35 -7.91
C ARG C 33 -19.21 -6.50 -9.42
N ARG C 34 -18.25 -7.20 -9.99
CA ARG C 34 -18.32 -7.65 -11.37
C ARG C 34 -17.75 -9.08 -11.44
N GLY C 35 -18.39 -9.92 -12.25
CA GLY C 35 -18.06 -11.34 -12.31
C GLY C 35 -18.75 -12.15 -11.23
N ARG C 36 -18.41 -13.43 -11.13
CA ARG C 36 -19.02 -14.36 -10.13
C ARG C 36 -18.02 -15.12 -9.25
N GLY C 37 -16.72 -14.86 -9.43
CA GLY C 37 -15.68 -15.68 -8.83
C GLY C 37 -15.68 -15.72 -7.31
N LEU C 38 -15.94 -14.57 -6.69
CA LEU C 38 -15.79 -14.40 -5.25
C LEU C 38 -17.13 -14.01 -4.63
N GLU C 39 -17.37 -14.47 -3.40
CA GLU C 39 -18.60 -14.19 -2.67
C GLU C 39 -18.39 -13.95 -1.18
N ALA C 40 -18.75 -12.75 -0.73
CA ALA C 40 -18.60 -12.32 0.65
C ALA C 40 -19.65 -12.93 1.54
N GLN C 41 -19.24 -13.90 2.33
CA GLN C 41 -20.13 -14.61 3.22
C GLN C 41 -19.83 -14.18 4.67
N GLY C 42 -20.58 -13.20 5.16
CA GLY C 42 -20.31 -12.65 6.48
C GLY C 42 -18.86 -12.21 6.67
N ASP C 43 -18.14 -12.94 7.52
CA ASP C 43 -16.78 -12.55 7.95
C ASP C 43 -15.70 -13.03 6.99
N ILE C 44 -16.06 -13.84 6.00
CA ILE C 44 -15.07 -14.37 5.06
C ILE C 44 -15.49 -14.12 3.62
N VAL C 45 -14.60 -14.48 2.71
CA VAL C 45 -14.89 -14.41 1.26
C VAL C 45 -14.60 -15.76 0.59
N ARG C 46 -15.62 -16.33 0.00
CA ARG C 46 -15.54 -17.68 -0.55
C ARG C 46 -15.10 -17.58 -1.98
N VAL C 47 -14.14 -18.40 -2.36
CA VAL C 47 -13.63 -18.41 -3.73
C VAL C 47 -14.37 -19.49 -4.54
N TRP C 48 -14.92 -19.13 -5.69
CA TRP C 48 -15.63 -20.07 -6.56
C TRP C 48 -14.82 -20.44 -7.81
N ASP C 49 -14.28 -19.43 -8.47
CA ASP C 49 -13.49 -19.61 -9.68
C ASP C 49 -12.01 -19.50 -9.35
N THR C 50 -11.30 -20.60 -9.61
CA THR C 50 -9.86 -20.69 -9.45
C THR C 50 -9.15 -19.75 -10.42
N GLY C 51 -8.06 -19.13 -9.96
CA GLY C 51 -7.27 -18.23 -10.81
C GLY C 51 -6.32 -17.36 -10.00
N ILE C 52 -5.67 -16.40 -10.67
CA ILE C 52 -4.73 -15.47 -10.02
C ILE C 52 -5.45 -14.18 -9.65
N TYR C 53 -5.21 -13.69 -8.44
CA TYR C 53 -5.98 -12.54 -7.95
C TYR C 53 -5.09 -11.53 -7.25
N LEU C 54 -5.30 -10.26 -7.56
CA LEU C 54 -4.75 -9.18 -6.76
C LEU C 54 -5.68 -9.11 -5.58
N LEU C 55 -5.11 -9.17 -4.38
CA LEU C 55 -5.84 -8.94 -3.13
C LEU C 55 -5.27 -7.69 -2.47
N TYR C 56 -6.14 -6.86 -1.90
CA TYR C 56 -5.72 -5.71 -1.09
C TYR C 56 -6.60 -5.51 0.14
N SER C 57 -5.97 -5.10 1.24
CA SER C 57 -6.65 -4.89 2.52
C SER C 57 -6.17 -3.62 3.17
N GLN C 58 -7.09 -2.75 3.56
CA GLN C 58 -6.77 -1.65 4.45
C GLN C 58 -7.58 -1.73 5.74
N VAL C 59 -6.95 -1.39 6.87
CA VAL C 59 -7.65 -1.23 8.15
C VAL C 59 -7.20 0.06 8.84
N LEU C 60 -8.16 0.78 9.42
CA LEU C 60 -7.87 2.03 10.13
C LEU C 60 -8.00 1.79 11.63
N PHE C 61 -6.91 1.96 12.35
CA PHE C 61 -6.80 1.61 13.78
C PHE C 61 -6.80 2.85 14.67
N HIS C 62 -7.30 2.71 15.90
CA HIS C 62 -7.19 3.76 16.93
C HIS C 62 -6.79 3.22 18.32
N ASP C 63 -6.14 2.06 18.36
CA ASP C 63 -5.58 1.57 19.61
C ASP C 63 -4.24 2.24 19.90
N VAL C 64 -3.86 2.23 21.17
CA VAL C 64 -2.68 2.91 21.66
C VAL C 64 -1.58 1.87 22.04
N THR C 65 -1.88 0.61 21.77
CA THR C 65 -1.03 -0.53 22.16
C THR C 65 0.05 -0.87 21.14
N PHE C 66 1.29 -0.54 21.48
CA PHE C 66 2.47 -1.13 20.84
C PHE C 66 2.40 -1.31 19.31
N THR C 67 1.59 -2.27 18.85
CA THR C 67 1.61 -2.63 17.45
C THR C 67 0.32 -3.32 16.95
N MET C 68 -0.28 -2.73 15.91
CA MET C 68 -1.51 -3.19 15.31
C MET C 68 -1.27 -3.60 13.85
N GLY C 69 -2.25 -4.26 13.25
CA GLY C 69 -2.14 -4.72 11.89
C GLY C 69 -3.18 -5.78 11.55
N GLN C 70 -3.02 -6.40 10.37
CA GLN C 70 -3.92 -7.46 9.96
C GLN C 70 -3.21 -8.64 9.27
N VAL C 71 -3.88 -9.79 9.29
CA VAL C 71 -3.44 -11.02 8.65
C VAL C 71 -4.47 -11.39 7.61
N VAL C 72 -4.01 -11.61 6.38
CA VAL C 72 -4.90 -12.07 5.30
C VAL C 72 -4.50 -13.49 4.93
N SER C 73 -5.47 -14.39 4.96
CA SER C 73 -5.19 -15.82 4.81
C SER C 73 -6.15 -16.55 3.91
N ARG C 74 -5.62 -17.56 3.22
CA ARG C 74 -6.46 -18.53 2.54
C ARG C 74 -6.42 -19.84 3.30
N GLU C 75 -7.61 -20.41 3.51
CA GLU C 75 -7.78 -21.64 4.25
C GLU C 75 -8.61 -22.53 3.36
N GLY C 76 -8.08 -23.70 3.04
CA GLY C 76 -8.76 -24.61 2.12
C GLY C 76 -8.10 -25.97 2.02
N GLN C 77 -8.91 -27.01 1.89
CA GLN C 77 -8.38 -28.38 1.76
C GLN C 77 -7.63 -28.84 3.02
N GLY C 78 -8.13 -28.46 4.20
CA GLY C 78 -7.48 -28.77 5.48
C GLY C 78 -6.13 -28.08 5.66
N ARG C 79 -5.91 -27.03 4.89
CA ARG C 79 -4.63 -26.33 4.89
C ARG C 79 -4.86 -24.85 5.17
N ARG C 80 -3.81 -24.21 5.69
CA ARG C 80 -3.78 -22.78 5.90
C ARG C 80 -2.50 -22.25 5.27
N GLU C 81 -2.61 -21.07 4.66
CA GLU C 81 -1.47 -20.31 4.16
C GLU C 81 -1.72 -18.83 4.46
N THR C 82 -0.76 -18.18 5.12
CA THR C 82 -0.80 -16.74 5.35
C THR C 82 -0.26 -16.04 4.11
N LEU C 83 -1.06 -15.13 3.54
CA LEU C 83 -0.73 -14.50 2.27
C LEU C 83 0.14 -13.25 2.43
N PHE C 84 -0.31 -12.34 3.29
CA PHE C 84 0.49 -11.17 3.67
C PHE C 84 0.07 -10.64 5.03
N ARG C 85 0.96 -9.86 5.66
CA ARG C 85 0.65 -9.15 6.90
C ARG C 85 0.86 -7.66 6.71
N CYS C 86 0.04 -6.87 7.41
CA CYS C 86 0.24 -5.44 7.55
C CYS C 86 0.50 -5.18 9.01
N ILE C 87 1.59 -4.48 9.33
CA ILE C 87 2.00 -4.25 10.74
C ILE C 87 2.27 -2.77 10.97
N ARG C 88 1.54 -2.18 11.92
CA ARG C 88 1.59 -0.75 12.22
C ARG C 88 1.85 -0.53 13.69
N SER C 89 2.96 0.12 14.00
CA SER C 89 3.23 0.55 15.37
C SER C 89 2.39 1.78 15.71
N MET C 90 1.55 1.64 16.72
CA MET C 90 0.68 2.71 17.18
C MET C 90 1.36 3.45 18.34
N PRO C 91 1.25 4.79 18.36
CA PRO C 91 1.86 5.56 19.42
C PRO C 91 1.01 5.52 20.68
N SER C 92 1.51 6.15 21.74
CA SER C 92 0.89 6.05 23.05
C SER C 92 0.01 7.25 23.45
N ASP C 93 -0.07 8.27 22.61
CA ASP C 93 -1.07 9.33 22.76
C ASP C 93 -2.37 9.00 22.00
N PRO C 94 -3.51 8.86 22.72
CA PRO C 94 -4.83 8.63 22.11
C PRO C 94 -5.22 9.62 20.99
N ASP C 95 -4.82 10.89 21.12
CA ASP C 95 -5.19 11.91 20.14
C ASP C 95 -4.17 12.07 19.02
N ARG C 96 -3.17 11.20 19.02
CA ARG C 96 -2.29 10.99 17.87
C ARG C 96 -2.35 9.54 17.36
N ALA C 97 -2.95 8.64 18.14
CA ALA C 97 -2.87 7.21 17.86
C ALA C 97 -3.84 6.77 16.79
N TYR C 98 -3.65 7.29 15.57
CA TYR C 98 -4.49 6.96 14.41
C TYR C 98 -3.56 6.61 13.26
N ASN C 99 -3.72 5.41 12.69
CA ASN C 99 -2.94 4.98 11.50
C ASN C 99 -3.72 4.01 10.64
N SER C 100 -3.69 4.15 9.31
CA SER C 100 -4.22 3.13 8.42
C SER C 100 -3.12 2.11 8.14
N CYS C 101 -3.46 0.84 7.87
CA CYS C 101 -2.46 -0.14 7.43
C CYS C 101 -2.90 -0.83 6.14
N TYR C 102 -2.08 -0.71 5.10
CA TYR C 102 -2.39 -1.23 3.77
C TYR C 102 -1.33 -2.20 3.30
N SER C 103 -1.79 -3.37 2.87
CA SER C 103 -0.96 -4.27 2.07
C SER C 103 -1.79 -4.95 1.01
N ALA C 104 -1.07 -5.53 0.05
CA ALA C 104 -1.70 -6.11 -1.14
C ALA C 104 -0.72 -7.08 -1.77
N GLY C 105 -1.23 -7.95 -2.65
CA GLY C 105 -0.39 -8.88 -3.38
C GLY C 105 -1.12 -9.70 -4.43
N VAL C 106 -0.37 -10.46 -5.20
CA VAL C 106 -0.91 -11.38 -6.19
C VAL C 106 -0.71 -12.80 -5.71
N PHE C 107 -1.78 -13.59 -5.74
CA PHE C 107 -1.77 -14.97 -5.27
C PHE C 107 -2.72 -15.85 -6.08
N HIS C 108 -2.40 -17.15 -6.12
CA HIS C 108 -3.26 -18.17 -6.75
C HIS C 108 -4.27 -18.64 -5.71
N LEU C 109 -5.56 -18.43 -6.00
CA LEU C 109 -6.65 -18.88 -5.13
C LEU C 109 -7.41 -20.00 -5.85
N HIS C 110 -7.65 -21.11 -5.17
CA HIS C 110 -8.40 -22.24 -5.76
C HIS C 110 -9.85 -22.23 -5.31
N GLN C 111 -10.75 -22.53 -6.26
CA GLN C 111 -12.13 -22.89 -5.96
C GLN C 111 -12.22 -23.70 -4.66
N GLY C 112 -13.14 -23.32 -3.78
CA GLY C 112 -13.30 -23.97 -2.47
C GLY C 112 -12.42 -23.42 -1.33
N ASP C 113 -11.53 -22.49 -1.67
CA ASP C 113 -10.78 -21.74 -0.66
C ASP C 113 -11.65 -20.69 0.04
N ILE C 114 -11.21 -20.30 1.24
CA ILE C 114 -11.85 -19.25 2.02
C ILE C 114 -10.80 -18.22 2.43
N ILE C 115 -11.16 -16.95 2.29
CA ILE C 115 -10.27 -15.83 2.59
C ILE C 115 -10.69 -15.20 3.90
N THR C 116 -9.73 -14.98 4.79
CA THR C 116 -10.01 -14.37 6.08
C THR C 116 -9.11 -13.17 6.30
N VAL C 117 -9.65 -12.15 6.98
CA VAL C 117 -8.91 -10.97 7.41
C VAL C 117 -9.01 -10.82 8.93
N LYS C 118 -7.94 -11.15 9.65
CA LYS C 118 -7.96 -11.10 11.12
C LYS C 118 -7.04 -10.02 11.67
N ILE C 119 -7.52 -9.29 12.68
CA ILE C 119 -6.69 -8.38 13.46
C ILE C 119 -6.30 -9.11 14.75
N PRO C 120 -4.99 -9.33 14.99
CA PRO C 120 -4.62 -10.21 16.09
C PRO C 120 -4.77 -9.65 17.52
N ARG C 121 -5.88 -8.97 17.80
CA ARG C 121 -6.21 -8.54 19.16
C ARG C 121 -7.69 -8.66 19.46
N ALA C 122 -8.00 -8.87 20.74
CA ALA C 122 -9.39 -8.94 21.17
C ALA C 122 -9.93 -7.53 21.35
N ASN C 123 -11.18 -7.34 20.95
CA ASN C 123 -11.82 -6.02 21.01
C ASN C 123 -10.96 -4.94 20.40
N ALA C 124 -10.57 -5.13 19.14
CA ALA C 124 -9.67 -4.19 18.46
C ALA C 124 -10.46 -2.98 18.02
N LYS C 125 -9.94 -1.80 18.31
CA LYS C 125 -10.61 -0.57 17.92
C LYS C 125 -10.25 -0.29 16.47
N LEU C 126 -11.21 -0.41 15.57
CA LEU C 126 -10.99 -0.08 14.18
C LEU C 126 -12.24 0.49 13.51
N SER C 127 -12.03 1.17 12.38
CA SER C 127 -13.04 2.04 11.76
C SER C 127 -13.97 1.28 10.84
N LEU C 128 -15.25 1.61 10.91
CA LEU C 128 -16.26 1.03 10.04
C LEU C 128 -16.45 1.91 8.80
N SER C 129 -15.67 2.97 8.67
CA SER C 129 -15.82 3.90 7.57
C SER C 129 -15.41 3.19 6.30
N PRO C 130 -16.30 3.17 5.31
CA PRO C 130 -16.02 2.38 4.10
C PRO C 130 -14.79 2.87 3.34
N HIS C 131 -14.32 4.09 3.66
CA HIS C 131 -13.13 4.66 3.03
C HIS C 131 -11.99 4.76 4.04
N GLY C 132 -12.18 4.13 5.19
CA GLY C 132 -11.11 3.93 6.17
C GLY C 132 -10.59 2.51 6.12
N THR C 133 -11.52 1.55 6.21
CA THR C 133 -11.22 0.12 6.24
C THR C 133 -11.94 -0.57 5.08
N PHE C 134 -11.19 -1.29 4.25
CA PHE C 134 -11.77 -2.00 3.11
C PHE C 134 -10.96 -3.22 2.73
N LEU C 135 -11.53 -4.03 1.85
CA LEU C 135 -10.91 -5.27 1.36
C LEU C 135 -11.37 -5.42 -0.09
N GLY C 136 -10.45 -5.71 -1.02
CA GLY C 136 -10.84 -5.86 -2.43
C GLY C 136 -10.09 -6.89 -3.25
N PHE C 137 -10.66 -7.26 -4.40
CA PHE C 137 -10.13 -8.30 -5.24
C PHE C 137 -10.17 -7.94 -6.72
N VAL C 138 -9.14 -8.34 -7.47
CA VAL C 138 -9.17 -8.28 -8.93
C VAL C 138 -8.65 -9.58 -9.49
N LYS C 139 -9.42 -10.23 -10.37
CA LYS C 139 -8.96 -11.43 -11.06
C LYS C 139 -8.13 -11.02 -12.26
N LEU C 140 -6.89 -11.51 -12.30
CA LEU C 140 -5.93 -11.12 -13.32
C LEU C 140 -5.84 -12.19 -14.39
N SER D 1 3.00 -10.18 22.17
CA SER D 1 2.71 -11.29 21.20
C SER D 1 1.52 -10.91 20.30
N GLY D 2 0.67 -11.89 19.95
CA GLY D 2 -0.49 -11.70 19.09
C GLY D 2 -0.10 -12.02 17.67
N TRP D 3 1.09 -11.54 17.30
CA TRP D 3 1.72 -11.83 16.01
C TRP D 3 2.51 -13.10 16.12
N CYS D 4 2.54 -13.67 17.33
CA CYS D 4 3.26 -14.89 17.60
C CYS D 4 2.33 -16.08 17.65
N ASP D 5 1.12 -15.91 17.13
CA ASP D 5 0.22 -17.02 16.88
C ASP D 5 0.87 -17.98 15.86
N PRO D 6 0.76 -19.29 16.09
CA PRO D 6 1.43 -20.25 15.18
C PRO D 6 0.94 -20.23 13.74
N ARG D 7 -0.30 -19.83 13.54
CA ARG D 7 -0.90 -19.79 12.20
C ARG D 7 -0.27 -18.75 11.27
N TRP D 8 0.29 -17.68 11.86
CA TRP D 8 0.98 -16.63 11.11
C TRP D 8 2.25 -16.17 11.85
N TYR D 9 2.90 -17.11 12.54
CA TYR D 9 4.11 -16.82 13.32
C TYR D 9 5.19 -16.28 12.43
N ASP D 10 5.86 -15.24 12.92
CA ASP D 10 7.04 -14.68 12.31
C ASP D 10 8.09 -14.59 13.41
N PRO D 11 9.17 -15.36 13.30
CA PRO D 11 10.22 -15.30 14.33
C PRO D 11 10.69 -13.87 14.62
N PHE D 12 10.82 -13.08 13.55
CA PHE D 12 11.22 -11.66 13.55
C PHE D 12 10.61 -10.83 14.68
N MET D 13 9.37 -11.12 15.05
CA MET D 13 8.68 -10.39 16.12
C MET D 13 8.32 -11.17 17.37
N CYS D 14 9.06 -12.22 17.74
CA CYS D 14 8.67 -12.98 18.93
C CYS D 14 9.71 -12.92 20.04
N GLU D 15 9.92 -11.67 20.47
CA GLU D 15 10.72 -11.26 21.62
C GLU D 15 12.24 -11.01 21.37
N HIS D 16 13.17 -11.65 22.09
CA HIS D 16 14.62 -11.35 22.02
C HIS D 16 15.11 -10.65 23.31
N GLY E 2 22.48 7.58 2.95
CA GLY E 2 21.12 7.42 3.57
C GLY E 2 20.09 7.77 2.51
N TRP E 3 19.11 8.61 2.88
CA TRP E 3 18.10 9.09 1.93
C TRP E 3 18.64 10.20 1.05
N CYS E 4 19.87 10.63 1.30
CA CYS E 4 20.50 11.69 0.52
C CYS E 4 21.55 11.15 -0.45
N ASP E 5 21.54 9.83 -0.66
CA ASP E 5 22.35 9.20 -1.70
C ASP E 5 21.94 9.79 -3.06
N PRO E 6 22.94 10.10 -3.92
CA PRO E 6 22.56 10.75 -5.18
C PRO E 6 21.64 9.93 -6.10
N ARG E 7 21.73 8.61 -6.02
CA ARG E 7 20.94 7.75 -6.90
C ARG E 7 19.43 7.86 -6.68
N TRP E 8 19.03 8.26 -5.48
CA TRP E 8 17.61 8.48 -5.18
C TRP E 8 17.39 9.70 -4.28
N TYR E 9 18.23 10.72 -4.44
CA TYR E 9 18.15 11.95 -3.63
C TYR E 9 16.73 12.50 -3.60
N ASP E 10 16.32 13.01 -2.44
CA ASP E 10 15.08 13.78 -2.29
C ASP E 10 15.39 15.03 -1.45
N PRO E 11 15.34 16.22 -2.06
CA PRO E 11 15.66 17.45 -1.32
C PRO E 11 14.85 17.56 -0.04
N PHE E 12 13.59 17.11 -0.12
CA PHE E 12 12.64 17.10 0.98
C PHE E 12 13.23 16.63 2.29
N MET E 13 14.14 15.66 2.24
CA MET E 13 14.72 15.06 3.44
C MET E 13 16.21 15.26 3.59
N CYS E 14 16.74 16.36 3.05
CA CYS E 14 18.17 16.59 3.16
C CYS E 14 18.41 18.02 3.65
N GLY F 2 -10.12 19.21 9.68
CA GLY F 2 -8.97 18.25 9.76
C GLY F 2 -9.38 16.91 9.16
N TRP F 3 -9.57 15.91 10.02
CA TRP F 3 -10.20 14.66 9.58
C TRP F 3 -11.72 14.68 9.84
N CYS F 4 -12.20 15.78 10.43
CA CYS F 4 -13.62 15.95 10.78
C CYS F 4 -14.31 16.95 9.88
N ASP F 5 -13.72 17.20 8.72
CA ASP F 5 -14.40 17.93 7.66
C ASP F 5 -15.60 17.09 7.25
N PRO F 6 -16.77 17.72 7.03
CA PRO F 6 -17.96 16.92 6.71
C PRO F 6 -17.88 16.14 5.39
N ARG F 7 -17.02 16.59 4.48
CA ARG F 7 -16.90 15.97 3.18
C ARG F 7 -16.31 14.57 3.24
N TRP F 8 -15.54 14.28 4.27
CA TRP F 8 -14.95 12.96 4.48
C TRP F 8 -14.95 12.53 5.96
N TYR F 9 -15.95 13.00 6.70
CA TYR F 9 -16.10 12.73 8.12
C TYR F 9 -16.02 11.24 8.43
N ASP F 10 -15.37 10.91 9.54
CA ASP F 10 -15.36 9.56 10.08
C ASP F 10 -15.57 9.62 11.58
N PRO F 11 -16.72 9.11 12.08
CA PRO F 11 -17.04 9.17 13.52
C PRO F 11 -15.88 8.69 14.36
N PHE F 12 -15.26 7.62 13.87
CA PHE F 12 -14.13 6.96 14.49
C PHE F 12 -13.04 7.89 15.02
N MET F 13 -12.89 9.08 14.43
CA MET F 13 -11.82 10.00 14.85
C MET F 13 -12.27 11.39 15.25
N CYS F 14 -13.54 11.58 15.59
CA CYS F 14 -14.03 12.90 15.92
C CYS F 14 -14.67 12.93 17.31
#